data_1CZ3
#
_entry.id   1CZ3
#
_cell.length_a   131.605
_cell.length_b   36.051
_cell.length_c   97.025
_cell.angle_alpha   90.00
_cell.angle_beta   130.69
_cell.angle_gamma   90.00
#
_symmetry.space_group_name_H-M   'C 1 2 1'
#
loop_
_entity.id
_entity.type
_entity.pdbx_description
1 polymer 'DIHYDROFOLATE REDUCTASE'
2 non-polymer 'SULFATE ION'
3 water water
#
_entity_poly.entity_id   1
_entity_poly.type   'polypeptide(L)'
_entity_poly.pdbx_seq_one_letter_code
;AKVIFVLAMDVSGKIASSVESWSSFEDRKNFRKITTEIGNVVMGRITFEEIGRPLPERLNVVLTRRPKTSNNPSLVFFNG
SPADVVKFLEGKGYERVAVIGGKTVFTEFLREKLVDELFVTVEPYVFGKGIPFFDEFEGYFPLKLLEMRRLNERGTLFLK
YSVEKSHR
;
_entity_poly.pdbx_strand_id   A,B
#
loop_
_chem_comp.id
_chem_comp.type
_chem_comp.name
_chem_comp.formula
SO4 non-polymer 'SULFATE ION' 'O4 S -2'
#
# COMPACT_ATOMS: atom_id res chain seq x y z
N ALA A 1 -6.87 -24.49 -10.96
CA ALA A 1 -7.73 -23.38 -10.51
C ALA A 1 -6.84 -22.15 -10.36
N LYS A 2 -7.40 -20.96 -10.49
CA LYS A 2 -6.55 -19.80 -10.30
C LYS A 2 -6.75 -19.33 -8.88
N VAL A 3 -5.65 -18.93 -8.28
CA VAL A 3 -5.63 -18.48 -6.90
C VAL A 3 -5.76 -16.98 -6.84
N ILE A 4 -6.81 -16.52 -6.16
CA ILE A 4 -7.03 -15.10 -6.04
C ILE A 4 -6.96 -14.61 -4.58
N PHE A 5 -6.11 -13.64 -4.29
CA PHE A 5 -6.04 -13.06 -2.96
C PHE A 5 -7.13 -11.98 -2.93
N VAL A 6 -7.92 -11.94 -1.86
CA VAL A 6 -8.94 -10.91 -1.71
C VAL A 6 -8.67 -10.25 -0.37
N LEU A 7 -8.29 -8.97 -0.40
CA LEU A 7 -7.97 -8.29 0.83
C LEU A 7 -8.28 -6.81 0.76
N ALA A 8 -8.39 -6.18 1.92
CA ALA A 8 -8.64 -4.76 2.03
C ALA A 8 -7.41 -4.27 2.79
N MET A 9 -6.98 -3.05 2.51
CA MET A 9 -5.81 -2.46 3.15
C MET A 9 -5.88 -0.96 3.14
N ASP A 10 -5.07 -0.34 3.98
CA ASP A 10 -4.98 1.11 3.99
C ASP A 10 -3.95 1.46 2.90
N VAL A 11 -3.61 2.74 2.74
CA VAL A 11 -2.66 3.03 1.69
C VAL A 11 -1.24 2.57 1.97
N SER A 12 -0.89 2.26 3.23
CA SER A 12 0.47 1.83 3.52
C SER A 12 0.61 0.32 3.47
N GLY A 13 -0.46 -0.35 3.06
CA GLY A 13 -0.44 -1.79 2.89
C GLY A 13 -0.71 -2.66 4.10
N LYS A 14 -1.38 -2.12 5.11
CA LYS A 14 -1.70 -2.90 6.29
C LYS A 14 -3.07 -3.54 6.12
N ILE A 15 -3.19 -4.82 6.45
CA ILE A 15 -4.48 -5.50 6.32
C ILE A 15 -5.31 -5.50 7.61
N ALA A 16 -4.76 -4.95 8.67
CA ALA A 16 -5.45 -4.87 9.95
C ALA A 16 -4.84 -3.76 10.79
N SER A 17 -5.67 -3.13 11.61
CA SER A 17 -5.25 -2.06 12.49
C SER A 17 -6.27 -1.94 13.62
N SER A 18 -5.99 -1.07 14.58
CA SER A 18 -6.90 -0.88 15.70
C SER A 18 -7.89 0.26 15.46
N VAL A 19 -8.03 0.69 14.20
CA VAL A 19 -8.97 1.75 13.87
C VAL A 19 -10.34 1.08 13.79
N GLU A 20 -11.33 1.66 14.46
CA GLU A 20 -12.68 1.10 14.47
C GLU A 20 -13.41 1.36 13.14
N SER A 21 -14.04 0.31 12.60
CA SER A 21 -14.79 0.40 11.36
C SER A 21 -14.08 1.04 10.19
N TRP A 22 -12.82 0.67 9.98
CA TRP A 22 -12.12 1.25 8.84
C TRP A 22 -12.59 0.55 7.57
N SER A 23 -13.06 -0.68 7.74
CA SER A 23 -13.59 -1.47 6.64
C SER A 23 -14.93 -0.85 6.26
N SER A 24 -15.01 -0.24 5.09
CA SER A 24 -16.23 0.44 4.65
C SER A 24 -17.39 -0.47 4.27
N PHE A 25 -18.58 0.08 4.40
CA PHE A 25 -19.81 -0.64 4.07
C PHE A 25 -19.73 -1.23 2.68
N GLU A 26 -19.37 -0.40 1.70
CA GLU A 26 -19.27 -0.87 0.32
C GLU A 26 -18.21 -1.95 0.14
N ASP A 27 -17.09 -1.79 0.84
CA ASP A 27 -15.98 -2.76 0.79
C ASP A 27 -16.57 -4.11 1.20
N ARG A 28 -17.26 -4.12 2.33
CA ARG A 28 -17.88 -5.36 2.85
C ARG A 28 -18.89 -5.99 1.91
N LYS A 29 -19.69 -5.18 1.24
CA LYS A 29 -20.69 -5.72 0.32
C LYS A 29 -20.02 -6.31 -0.91
N ASN A 30 -19.02 -5.61 -1.45
CA ASN A 30 -18.29 -6.11 -2.62
C ASN A 30 -17.57 -7.43 -2.27
N PHE A 31 -17.07 -7.54 -1.04
CA PHE A 31 -16.35 -8.74 -0.60
C PHE A 31 -17.27 -9.96 -0.61
N ARG A 32 -18.46 -9.79 -0.06
CA ARG A 32 -19.42 -10.86 0.00
C ARG A 32 -19.75 -11.35 -1.41
N LYS A 33 -20.04 -10.41 -2.30
CA LYS A 33 -20.40 -10.72 -3.69
C LYS A 33 -19.31 -11.50 -4.42
N ILE A 34 -18.08 -11.04 -4.28
CA ILE A 34 -16.97 -11.70 -4.93
C ILE A 34 -16.68 -13.06 -4.36
N THR A 35 -16.59 -13.17 -3.05
CA THR A 35 -16.29 -14.48 -2.48
C THR A 35 -17.43 -15.49 -2.64
N THR A 36 -18.69 -15.04 -2.61
CA THR A 36 -19.78 -16.00 -2.79
C THR A 36 -19.85 -16.47 -4.24
N GLU A 37 -19.47 -15.62 -5.18
CA GLU A 37 -19.47 -16.04 -6.57
C GLU A 37 -18.36 -17.07 -6.71
N ILE A 38 -17.22 -16.82 -6.07
CA ILE A 38 -16.13 -17.77 -6.15
C ILE A 38 -16.57 -19.04 -5.43
N GLY A 39 -17.38 -18.91 -4.39
CA GLY A 39 -17.86 -20.08 -3.69
C GLY A 39 -17.01 -20.62 -2.53
N ASN A 40 -15.83 -20.06 -2.32
CA ASN A 40 -15.04 -20.54 -1.20
C ASN A 40 -14.12 -19.45 -0.66
N VAL A 41 -13.59 -19.70 0.53
CA VAL A 41 -12.64 -18.80 1.15
C VAL A 41 -11.66 -19.68 1.93
N VAL A 42 -10.40 -19.29 1.91
CA VAL A 42 -9.34 -20.00 2.58
C VAL A 42 -8.74 -18.98 3.50
N MET A 43 -8.53 -19.35 4.76
CA MET A 43 -8.00 -18.44 5.76
C MET A 43 -7.19 -19.18 6.84
N GLY A 44 -6.46 -18.43 7.64
CA GLY A 44 -5.67 -19.00 8.72
C GLY A 44 -6.52 -19.00 9.98
N ARG A 45 -6.07 -19.71 11.00
CA ARG A 45 -6.83 -19.83 12.26
C ARG A 45 -7.18 -18.48 12.87
N ILE A 46 -6.20 -17.59 12.91
CA ILE A 46 -6.40 -16.28 13.50
C ILE A 46 -7.52 -15.51 12.84
N THR A 47 -7.53 -15.46 11.52
CA THR A 47 -8.57 -14.75 10.79
C THR A 47 -9.94 -15.37 11.07
N PHE A 48 -9.97 -16.69 11.21
CA PHE A 48 -11.23 -17.36 11.48
C PHE A 48 -11.75 -17.07 12.88
N GLU A 49 -10.85 -17.03 13.86
CA GLU A 49 -11.25 -16.76 15.23
C GLU A 49 -11.76 -15.34 15.34
N GLU A 50 -11.19 -14.44 14.56
CA GLU A 50 -11.63 -13.07 14.59
C GLU A 50 -13.01 -12.99 13.92
N ILE A 51 -13.19 -13.76 12.86
CA ILE A 51 -14.45 -13.77 12.14
C ILE A 51 -15.50 -14.55 12.93
N GLY A 52 -15.03 -15.42 13.83
CA GLY A 52 -15.92 -16.18 14.68
C GLY A 52 -16.65 -17.36 14.07
N ARG A 53 -17.55 -17.08 13.13
CA ARG A 53 -18.33 -18.11 12.46
C ARG A 53 -17.96 -18.25 10.99
N PRO A 54 -18.43 -19.32 10.34
CA PRO A 54 -18.16 -19.56 8.91
C PRO A 54 -18.96 -18.60 8.04
N LEU A 55 -18.35 -18.11 6.96
CA LEU A 55 -19.03 -17.19 6.05
C LEU A 55 -20.14 -17.98 5.37
N PRO A 56 -21.38 -17.51 5.49
CA PRO A 56 -22.52 -18.19 4.88
C PRO A 56 -22.44 -18.29 3.37
N GLU A 57 -22.96 -19.39 2.86
CA GLU A 57 -22.99 -19.65 1.44
C GLU A 57 -21.61 -19.83 0.79
N ARG A 58 -20.59 -20.15 1.58
CA ARG A 58 -19.25 -20.36 1.04
C ARG A 58 -18.53 -21.52 1.74
N LEU A 59 -17.86 -22.37 0.99
CA LEU A 59 -17.11 -23.44 1.64
C LEU A 59 -15.95 -22.71 2.35
N ASN A 60 -15.86 -22.83 3.67
CA ASN A 60 -14.81 -22.16 4.43
C ASN A 60 -13.72 -23.18 4.72
N VAL A 61 -12.49 -22.86 4.32
CA VAL A 61 -11.39 -23.76 4.57
C VAL A 61 -10.40 -23.02 5.44
N VAL A 62 -10.23 -23.53 6.65
CA VAL A 62 -9.33 -22.93 7.62
C VAL A 62 -8.07 -23.77 7.70
N LEU A 63 -6.94 -23.14 7.41
CA LEU A 63 -5.66 -23.82 7.47
C LEU A 63 -5.19 -23.91 8.91
N THR A 64 -4.96 -25.14 9.38
CA THR A 64 -4.49 -25.40 10.74
C THR A 64 -3.71 -26.68 10.79
N ARG A 65 -2.61 -26.70 11.54
CA ARG A 65 -1.80 -27.92 11.67
C ARG A 65 -2.45 -28.93 12.62
N ARG A 66 -3.30 -28.43 13.51
CA ARG A 66 -3.99 -29.27 14.48
C ARG A 66 -5.30 -29.85 13.94
N PRO A 67 -5.36 -31.18 13.72
CA PRO A 67 -6.58 -31.78 13.20
C PRO A 67 -7.77 -31.38 14.07
N LYS A 68 -8.70 -30.61 13.50
CA LYS A 68 -9.86 -30.17 14.24
C LYS A 68 -11.10 -30.69 13.53
N THR A 69 -12.08 -31.14 14.31
CA THR A 69 -13.31 -31.67 13.73
C THR A 69 -14.39 -30.61 13.59
N SER A 70 -15.17 -30.71 12.52
CA SER A 70 -16.27 -29.78 12.26
C SER A 70 -17.56 -30.51 11.98
N ASN A 71 -18.67 -29.98 12.51
CA ASN A 71 -19.98 -30.59 12.28
C ASN A 71 -20.59 -29.90 11.05
N ASN A 72 -20.11 -28.69 10.78
CA ASN A 72 -20.61 -27.89 9.67
C ASN A 72 -19.99 -28.31 8.35
N PRO A 73 -20.83 -28.78 7.42
CA PRO A 73 -20.44 -29.23 6.08
C PRO A 73 -19.80 -28.14 5.24
N SER A 74 -19.96 -26.88 5.63
CA SER A 74 -19.36 -25.81 4.86
C SER A 74 -18.15 -25.24 5.62
N LEU A 75 -17.69 -25.97 6.62
CA LEU A 75 -16.54 -25.57 7.40
C LEU A 75 -15.57 -26.74 7.42
N VAL A 76 -14.38 -26.55 6.90
CA VAL A 76 -13.40 -27.62 6.88
C VAL A 76 -12.12 -27.09 7.50
N PHE A 77 -11.58 -27.85 8.45
CA PHE A 77 -10.31 -27.47 9.06
C PHE A 77 -9.34 -28.35 8.32
N PHE A 78 -8.53 -27.71 7.48
CA PHE A 78 -7.60 -28.41 6.62
C PHE A 78 -6.15 -28.30 7.05
N ASN A 79 -5.55 -29.46 7.30
CA ASN A 79 -4.15 -29.52 7.70
C ASN A 79 -3.40 -29.92 6.45
N GLY A 80 -2.71 -28.95 5.88
CA GLY A 80 -1.96 -29.19 4.66
C GLY A 80 -1.33 -27.88 4.27
N SER A 81 -0.50 -27.92 3.23
CA SER A 81 0.17 -26.73 2.76
C SER A 81 -0.72 -26.06 1.70
N PRO A 82 -0.32 -24.88 1.25
CA PRO A 82 -1.06 -24.12 0.23
C PRO A 82 -1.37 -24.95 -1.02
N ALA A 83 -0.37 -25.68 -1.51
CA ALA A 83 -0.56 -26.51 -2.70
C ALA A 83 -1.64 -27.56 -2.48
N ASP A 84 -1.61 -28.19 -1.31
CA ASP A 84 -2.59 -29.20 -0.94
C ASP A 84 -4.00 -28.63 -0.98
N VAL A 85 -4.15 -27.48 -0.35
CA VAL A 85 -5.42 -26.78 -0.27
C VAL A 85 -5.99 -26.54 -1.66
N VAL A 86 -5.15 -26.08 -2.58
CA VAL A 86 -5.61 -25.79 -3.93
C VAL A 86 -6.04 -27.06 -4.65
N LYS A 87 -5.23 -28.10 -4.52
CA LYS A 87 -5.53 -29.39 -5.14
C LYS A 87 -6.83 -29.96 -4.55
N PHE A 88 -7.08 -29.67 -3.28
CA PHE A 88 -8.30 -30.13 -2.61
C PHE A 88 -9.53 -29.44 -3.18
N LEU A 89 -9.44 -28.13 -3.37
CA LEU A 89 -10.57 -27.38 -3.93
C LEU A 89 -10.80 -27.68 -5.41
N GLU A 90 -9.73 -27.86 -6.17
CA GLU A 90 -9.87 -28.20 -7.59
C GLU A 90 -10.63 -29.52 -7.70
N GLY A 91 -10.27 -30.47 -6.83
CA GLY A 91 -10.94 -31.76 -6.84
C GLY A 91 -12.43 -31.62 -6.67
N LYS A 92 -12.85 -30.56 -5.99
CA LYS A 92 -14.26 -30.34 -5.76
C LYS A 92 -14.93 -29.52 -6.85
N GLY A 93 -14.21 -29.30 -7.95
CA GLY A 93 -14.77 -28.55 -9.07
C GLY A 93 -14.49 -27.06 -9.12
N TYR A 94 -13.88 -26.49 -8.07
CA TYR A 94 -13.61 -25.06 -8.03
C TYR A 94 -12.56 -24.57 -9.04
N GLU A 95 -12.97 -23.59 -9.85
CA GLU A 95 -12.10 -23.00 -10.87
C GLU A 95 -11.22 -21.93 -10.24
N ARG A 96 -11.77 -21.28 -9.22
CA ARG A 96 -11.07 -20.23 -8.50
C ARG A 96 -11.02 -20.54 -6.99
N VAL A 97 -9.97 -20.05 -6.34
CA VAL A 97 -9.75 -20.21 -4.91
C VAL A 97 -9.53 -18.83 -4.32
N ALA A 98 -10.36 -18.42 -3.37
CA ALA A 98 -10.19 -17.12 -2.73
C ALA A 98 -9.48 -17.21 -1.38
N VAL A 99 -8.29 -16.62 -1.28
CA VAL A 99 -7.54 -16.62 -0.03
C VAL A 99 -7.81 -15.26 0.55
N ILE A 100 -8.43 -15.19 1.72
CA ILE A 100 -8.81 -13.90 2.28
C ILE A 100 -7.94 -13.44 3.39
N GLY A 101 -6.95 -14.23 3.78
CA GLY A 101 -6.15 -13.66 4.81
C GLY A 101 -5.39 -14.33 5.91
N GLY A 102 -4.76 -13.39 6.59
CA GLY A 102 -3.89 -13.64 7.69
C GLY A 102 -2.58 -13.35 6.98
N LYS A 103 -1.74 -12.56 7.62
CA LYS A 103 -0.42 -12.25 7.10
C LYS A 103 0.24 -13.61 6.81
N THR A 104 0.10 -14.54 7.76
CA THR A 104 0.67 -15.87 7.66
C THR A 104 0.29 -16.62 6.39
N VAL A 105 -1.00 -16.73 6.12
CA VAL A 105 -1.46 -17.45 4.93
C VAL A 105 -1.02 -16.77 3.62
N PHE A 106 -1.11 -15.44 3.55
CA PHE A 106 -0.68 -14.73 2.34
C PHE A 106 0.83 -14.98 2.12
N THR A 107 1.61 -14.82 3.18
CA THR A 107 3.05 -15.02 3.10
C THR A 107 3.38 -16.41 2.56
N GLU A 108 2.70 -17.44 3.06
CA GLU A 108 2.92 -18.82 2.60
C GLU A 108 2.53 -19.04 1.15
N PHE A 109 1.43 -18.46 0.71
CA PHE A 109 1.01 -18.63 -0.66
C PHE A 109 1.97 -17.88 -1.58
N LEU A 110 2.45 -16.73 -1.17
CA LEU A 110 3.39 -15.93 -1.96
C LEU A 110 4.74 -16.63 -2.15
N ARG A 111 5.25 -17.26 -1.09
CA ARG A 111 6.53 -17.96 -1.16
C ARG A 111 6.43 -19.12 -2.13
N GLU A 112 5.28 -19.78 -2.17
CA GLU A 112 5.09 -20.90 -3.07
C GLU A 112 4.68 -20.42 -4.44
N LYS A 113 4.69 -19.10 -4.62
CA LYS A 113 4.32 -18.50 -5.88
C LYS A 113 2.95 -19.00 -6.34
N LEU A 114 2.06 -19.27 -5.38
CA LEU A 114 0.71 -19.70 -5.70
C LEU A 114 -0.22 -18.49 -5.64
N VAL A 115 -0.22 -17.72 -6.71
CA VAL A 115 -1.07 -16.54 -6.78
C VAL A 115 -1.20 -16.10 -8.24
N ASP A 116 -2.43 -15.89 -8.69
CA ASP A 116 -2.68 -15.49 -10.06
C ASP A 116 -3.33 -14.12 -10.16
N GLU A 117 -4.19 -13.79 -9.21
CA GLU A 117 -4.83 -12.48 -9.25
C GLU A 117 -4.99 -11.92 -7.85
N LEU A 118 -4.92 -10.60 -7.74
CA LEU A 118 -5.10 -9.94 -6.45
C LEU A 118 -6.30 -8.97 -6.57
N PHE A 119 -7.35 -9.21 -5.79
CA PHE A 119 -8.50 -8.30 -5.73
C PHE A 119 -8.26 -7.48 -4.47
N VAL A 120 -7.75 -6.28 -4.67
CA VAL A 120 -7.37 -5.40 -3.58
C VAL A 120 -8.28 -4.20 -3.36
N THR A 121 -8.72 -4.01 -2.12
CA THR A 121 -9.55 -2.85 -1.83
C THR A 121 -8.72 -1.95 -0.97
N VAL A 122 -8.55 -0.72 -1.42
CA VAL A 122 -7.75 0.23 -0.65
C VAL A 122 -8.71 1.20 0.03
N GLU A 123 -8.65 1.23 1.36
CA GLU A 123 -9.49 2.14 2.16
C GLU A 123 -8.72 3.44 2.35
N PRO A 124 -9.42 4.60 2.28
CA PRO A 124 -8.76 5.90 2.44
C PRO A 124 -8.18 6.31 3.80
N TYR A 125 -7.15 5.59 4.22
CA TYR A 125 -6.47 5.84 5.48
C TYR A 125 -4.99 5.58 5.39
N VAL A 126 -4.26 6.15 6.34
CA VAL A 126 -2.85 5.89 6.51
C VAL A 126 -2.81 5.44 7.97
N PHE A 127 -2.64 4.13 8.19
CA PHE A 127 -2.58 3.58 9.55
C PHE A 127 -1.14 3.67 10.08
N GLY A 128 -0.95 4.28 11.26
CA GLY A 128 0.38 4.38 11.82
C GLY A 128 0.92 3.03 12.28
N LYS A 129 0.02 2.10 12.60
CA LYS A 129 0.42 0.78 13.10
C LYS A 129 -0.58 -0.25 12.60
N GLY A 130 -0.15 -1.48 12.42
CA GLY A 130 -1.08 -2.48 11.97
C GLY A 130 -0.36 -3.68 11.46
N ILE A 131 -1.10 -4.62 10.93
CA ILE A 131 -0.49 -5.83 10.42
C ILE A 131 -0.27 -5.71 8.93
N PRO A 132 0.96 -5.98 8.47
CA PRO A 132 1.25 -5.89 7.03
C PRO A 132 0.70 -7.09 6.24
N PHE A 133 0.49 -6.83 4.96
CA PHE A 133 -0.01 -7.77 3.99
C PHE A 133 0.71 -9.12 4.12
N PHE A 134 2.03 -9.08 4.22
CA PHE A 134 2.81 -10.31 4.35
C PHE A 134 4.15 -10.00 4.99
N ASP A 135 4.86 -11.06 5.39
CA ASP A 135 6.18 -10.90 5.97
C ASP A 135 7.13 -10.94 4.78
N GLU A 136 8.25 -10.25 4.91
CA GLU A 136 9.25 -10.20 3.86
C GLU A 136 9.59 -11.58 3.31
N PHE A 137 9.64 -11.69 1.98
CA PHE A 137 9.98 -12.94 1.31
C PHE A 137 10.92 -12.62 0.14
N GLU A 138 11.61 -13.63 -0.38
CA GLU A 138 12.55 -13.43 -1.48
C GLU A 138 11.83 -13.45 -2.80
N GLY A 139 12.00 -12.40 -3.60
CA GLY A 139 11.36 -12.32 -4.89
C GLY A 139 10.37 -11.17 -5.06
N TYR A 140 9.70 -11.11 -6.20
CA TYR A 140 8.73 -10.07 -6.47
C TYR A 140 7.80 -10.58 -7.55
N PHE A 141 6.66 -9.91 -7.72
CA PHE A 141 5.69 -10.29 -8.74
C PHE A 141 5.28 -9.07 -9.55
N PRO A 142 5.47 -9.13 -10.88
CA PRO A 142 5.09 -8.01 -11.73
C PRO A 142 3.59 -8.20 -11.98
N LEU A 143 2.82 -7.12 -12.04
CA LEU A 143 1.38 -7.25 -12.22
C LEU A 143 0.89 -6.46 -13.45
N LYS A 144 -0.38 -6.68 -13.77
CA LYS A 144 -1.09 -6.02 -14.86
C LYS A 144 -2.41 -5.57 -14.22
N LEU A 145 -2.80 -4.31 -14.35
CA LEU A 145 -4.06 -3.86 -13.78
C LEU A 145 -5.21 -4.29 -14.70
N LEU A 146 -6.18 -5.02 -14.17
CA LEU A 146 -7.31 -5.48 -14.97
C LEU A 146 -8.51 -4.56 -14.86
N GLU A 147 -8.65 -3.94 -13.71
CA GLU A 147 -9.79 -3.10 -13.49
C GLU A 147 -9.65 -2.30 -12.22
N MET A 148 -10.20 -1.11 -12.24
CA MET A 148 -10.14 -0.24 -11.09
C MET A 148 -11.54 0.33 -10.94
N ARG A 149 -11.98 0.53 -9.70
CA ARG A 149 -13.30 1.03 -9.44
C ARG A 149 -13.43 1.75 -8.11
N ARG A 150 -14.04 2.93 -8.16
CA ARG A 150 -14.27 3.72 -6.97
C ARG A 150 -15.54 3.15 -6.32
N LEU A 151 -15.44 2.72 -5.07
CA LEU A 151 -16.60 2.13 -4.38
C LEU A 151 -17.57 3.09 -3.70
N ASN A 152 -17.08 4.26 -3.29
CA ASN A 152 -17.90 5.28 -2.65
C ASN A 152 -17.32 6.67 -2.87
N GLU A 153 -17.99 7.69 -2.35
CA GLU A 153 -17.56 9.08 -2.52
C GLU A 153 -16.29 9.46 -1.77
N ARG A 154 -16.10 8.90 -0.59
CA ARG A 154 -14.92 9.17 0.21
C ARG A 154 -13.65 8.73 -0.55
N GLY A 155 -13.76 7.67 -1.35
CA GLY A 155 -12.60 7.25 -2.11
C GLY A 155 -12.13 5.81 -1.99
N THR A 156 -12.92 4.95 -1.36
CA THR A 156 -12.56 3.55 -1.24
C THR A 156 -12.37 3.02 -2.67
N LEU A 157 -11.20 2.44 -2.93
CA LEU A 157 -10.87 1.92 -4.26
C LEU A 157 -10.80 0.41 -4.39
N PHE A 158 -11.36 -0.12 -5.47
CA PHE A 158 -11.31 -1.56 -5.70
C PHE A 158 -10.45 -1.78 -6.93
N LEU A 159 -9.37 -2.54 -6.76
CA LEU A 159 -8.46 -2.80 -7.86
C LEU A 159 -8.29 -4.30 -8.11
N LYS A 160 -8.25 -4.68 -9.38
CA LYS A 160 -8.07 -6.07 -9.76
C LYS A 160 -6.78 -6.18 -10.54
N TYR A 161 -5.82 -6.96 -10.04
CA TYR A 161 -4.56 -7.12 -10.76
C TYR A 161 -4.37 -8.54 -11.16
N SER A 162 -3.65 -8.73 -12.25
CA SER A 162 -3.33 -10.06 -12.69
C SER A 162 -1.80 -10.20 -12.57
N VAL A 163 -1.36 -11.39 -12.23
CA VAL A 163 0.07 -11.66 -12.11
C VAL A 163 0.66 -11.98 -13.49
N GLU A 164 1.65 -11.21 -13.92
CA GLU A 164 2.28 -11.42 -15.23
C GLU A 164 3.11 -12.71 -15.20
N ALA B 1 2.23 27.15 4.51
CA ALA B 1 2.34 26.42 3.21
C ALA B 1 1.80 25.01 3.38
N LYS B 2 1.20 24.45 2.34
CA LYS B 2 0.71 23.10 2.48
C LYS B 2 1.79 22.09 2.09
N VAL B 3 1.86 21.02 2.88
CA VAL B 3 2.85 19.98 2.68
C VAL B 3 2.22 18.85 1.88
N ILE B 4 2.92 18.43 0.83
CA ILE B 4 2.44 17.39 -0.03
C ILE B 4 3.47 16.27 -0.15
N PHE B 5 3.05 15.04 0.11
CA PHE B 5 3.94 13.88 -0.03
C PHE B 5 3.85 13.47 -1.50
N VAL B 6 4.98 13.19 -2.12
CA VAL B 6 4.95 12.74 -3.51
C VAL B 6 5.80 11.49 -3.53
N LEU B 7 5.18 10.35 -3.76
CA LEU B 7 5.95 9.12 -3.76
C LEU B 7 5.40 8.06 -4.67
N ALA B 8 6.24 7.07 -4.97
CA ALA B 8 5.85 5.93 -5.77
C ALA B 8 6.03 4.70 -4.89
N MET B 9 5.16 3.71 -5.05
CA MET B 9 5.25 2.50 -4.26
C MET B 9 4.67 1.35 -5.04
N ASP B 10 4.86 0.13 -4.52
CA ASP B 10 4.28 -1.04 -5.12
C ASP B 10 2.96 -1.22 -4.38
N VAL B 11 2.24 -2.27 -4.71
CA VAL B 11 0.96 -2.52 -4.11
C VAL B 11 1.09 -2.79 -2.62
N SER B 12 2.26 -3.21 -2.15
CA SER B 12 2.36 -3.52 -0.72
C SER B 12 2.87 -2.38 0.18
N GLY B 13 3.08 -1.20 -0.39
CA GLY B 13 3.48 -0.07 0.43
C GLY B 13 4.96 0.25 0.56
N LYS B 14 5.80 -0.36 -0.26
CA LYS B 14 7.23 -0.11 -0.21
C LYS B 14 7.63 0.96 -1.24
N ILE B 15 8.48 1.90 -0.81
CA ILE B 15 8.95 2.97 -1.69
C ILE B 15 10.31 2.70 -2.34
N ALA B 16 10.87 1.52 -2.11
CA ALA B 16 12.18 1.18 -2.70
C ALA B 16 12.40 -0.31 -2.59
N SER B 17 13.12 -0.87 -3.56
CA SER B 17 13.41 -2.30 -3.52
C SER B 17 14.58 -2.60 -4.46
N SER B 18 14.97 -3.86 -4.59
CA SER B 18 16.10 -4.18 -5.46
C SER B 18 15.72 -4.37 -6.93
N VAL B 19 14.42 -4.53 -7.20
CA VAL B 19 13.95 -4.75 -8.57
C VAL B 19 14.45 -3.66 -9.52
N GLU B 20 14.72 -4.04 -10.76
CA GLU B 20 15.24 -3.09 -11.75
C GLU B 20 14.16 -2.39 -12.59
N SER B 21 14.32 -1.09 -12.77
CA SER B 21 13.39 -0.31 -13.55
C SER B 21 11.92 -0.55 -13.22
N TRP B 22 11.55 -0.52 -11.93
CA TRP B 22 10.14 -0.72 -11.58
C TRP B 22 9.39 0.61 -11.69
N SER B 23 10.14 1.71 -11.71
CA SER B 23 9.55 3.03 -11.85
C SER B 23 9.26 3.23 -13.34
N SER B 24 8.01 3.47 -13.69
CA SER B 24 7.68 3.63 -15.10
C SER B 24 8.02 5.00 -15.67
N PHE B 25 8.15 5.04 -16.99
CA PHE B 25 8.47 6.28 -17.71
C PHE B 25 7.43 7.37 -17.39
N GLU B 26 6.15 7.01 -17.44
CA GLU B 26 5.06 7.95 -17.18
C GLU B 26 5.08 8.49 -15.75
N ASP B 27 5.40 7.63 -14.79
CA ASP B 27 5.51 8.02 -13.37
C ASP B 27 6.59 9.09 -13.25
N ARG B 28 7.76 8.85 -13.85
CA ARG B 28 8.87 9.80 -13.76
C ARG B 28 8.51 11.10 -14.44
N LYS B 29 7.83 11.00 -15.57
CA LYS B 29 7.43 12.21 -16.29
C LYS B 29 6.48 13.01 -15.38
N ASN B 30 5.49 12.32 -14.83
CA ASN B 30 4.51 12.96 -13.94
C ASN B 30 5.18 13.61 -12.73
N PHE B 31 6.15 12.91 -12.13
CA PHE B 31 6.89 13.41 -10.95
C PHE B 31 7.63 14.72 -11.24
N ARG B 32 8.30 14.75 -12.39
CA ARG B 32 9.04 15.94 -12.80
C ARG B 32 8.09 17.13 -12.94
N LYS B 33 7.00 16.96 -13.69
CA LYS B 33 6.04 18.05 -13.87
C LYS B 33 5.55 18.59 -12.54
N ILE B 34 5.07 17.69 -11.69
CA ILE B 34 4.55 18.09 -10.39
C ILE B 34 5.58 18.77 -9.50
N THR B 35 6.75 18.16 -9.31
CA THR B 35 7.77 18.76 -8.44
C THR B 35 8.37 20.05 -9.01
N THR B 36 8.53 20.14 -10.33
CA THR B 36 9.08 21.38 -10.88
C THR B 36 8.01 22.49 -10.74
N GLU B 37 6.75 22.11 -10.87
CA GLU B 37 5.61 23.02 -10.70
C GLU B 37 5.62 23.56 -9.25
N ILE B 38 5.83 22.66 -8.28
CA ILE B 38 5.88 23.05 -6.88
C ILE B 38 7.14 23.86 -6.63
N GLY B 39 8.21 23.48 -7.32
CA GLY B 39 9.46 24.23 -7.22
C GLY B 39 10.50 23.83 -6.21
N ASN B 40 10.18 22.87 -5.34
CA ASN B 40 11.15 22.44 -4.35
C ASN B 40 10.89 20.99 -4.00
N VAL B 41 11.91 20.30 -3.48
CA VAL B 41 11.75 18.91 -3.05
C VAL B 41 12.49 18.77 -1.72
N VAL B 42 11.87 18.04 -0.78
CA VAL B 42 12.45 17.82 0.55
C VAL B 42 12.67 16.32 0.65
N MET B 43 13.90 15.93 0.93
CA MET B 43 14.21 14.51 1.02
C MET B 43 15.20 14.22 2.15
N GLY B 44 15.35 12.95 2.49
CA GLY B 44 16.28 12.57 3.54
C GLY B 44 17.64 12.28 2.94
N ARG B 45 18.64 12.14 3.80
CA ARG B 45 20.00 11.88 3.34
C ARG B 45 20.07 10.55 2.58
N ILE B 46 19.27 9.59 3.01
CA ILE B 46 19.25 8.30 2.34
C ILE B 46 18.76 8.47 0.92
N THR B 47 17.63 9.14 0.77
CA THR B 47 17.05 9.38 -0.55
C THR B 47 17.97 10.20 -1.45
N PHE B 48 18.65 11.17 -0.88
CA PHE B 48 19.57 12.02 -1.63
C PHE B 48 20.81 11.28 -2.17
N GLU B 49 21.29 10.27 -1.46
CA GLU B 49 22.45 9.52 -1.96
C GLU B 49 21.95 8.61 -3.07
N GLU B 50 20.72 8.17 -2.95
CA GLU B 50 20.06 7.29 -3.91
C GLU B 50 19.98 7.96 -5.27
N ILE B 51 19.49 9.21 -5.28
CA ILE B 51 19.33 9.99 -6.50
C ILE B 51 20.67 10.44 -7.07
N GLY B 52 21.63 10.71 -6.19
CA GLY B 52 22.94 11.12 -6.65
C GLY B 52 23.18 12.61 -6.84
N ARG B 53 22.43 13.22 -7.74
CA ARG B 53 22.60 14.64 -8.00
C ARG B 53 21.32 15.43 -7.76
N PRO B 54 21.44 16.70 -7.41
CA PRO B 54 20.28 17.57 -7.16
C PRO B 54 19.32 17.47 -8.33
N LEU B 55 18.02 17.58 -8.07
CA LEU B 55 17.06 17.52 -9.16
C LEU B 55 17.02 18.91 -9.79
N PRO B 56 17.26 19.00 -11.10
CA PRO B 56 17.26 20.30 -11.80
C PRO B 56 15.96 21.08 -11.77
N GLU B 57 16.10 22.41 -11.80
CA GLU B 57 14.98 23.34 -11.81
C GLU B 57 14.14 23.33 -10.54
N ARG B 58 14.70 22.79 -9.46
CA ARG B 58 13.99 22.75 -8.20
C ARG B 58 14.98 23.01 -7.09
N LEU B 59 14.48 23.57 -5.98
CA LEU B 59 15.32 23.83 -4.84
C LEU B 59 15.30 22.51 -4.07
N ASN B 60 16.46 21.86 -3.94
CA ASN B 60 16.55 20.60 -3.22
C ASN B 60 16.97 20.83 -1.78
N VAL B 61 16.13 20.42 -0.85
CA VAL B 61 16.42 20.58 0.57
C VAL B 61 16.67 19.20 1.16
N VAL B 62 17.89 18.97 1.66
CA VAL B 62 18.26 17.69 2.25
C VAL B 62 18.30 17.82 3.78
N LEU B 63 17.41 17.09 4.45
CA LEU B 63 17.35 17.16 5.91
C LEU B 63 18.44 16.30 6.51
N THR B 64 19.16 16.85 7.47
CA THR B 64 20.22 16.10 8.10
C THR B 64 20.62 16.75 9.43
N ARG B 65 21.28 15.99 10.29
CA ARG B 65 21.70 16.50 11.59
C ARG B 65 23.05 17.18 11.55
N ARG B 66 24.02 16.55 10.87
CA ARG B 66 25.37 17.12 10.75
C ARG B 66 25.35 18.36 9.85
N PRO B 67 25.88 19.50 10.33
CA PRO B 67 25.88 20.71 9.50
C PRO B 67 26.76 20.46 8.27
N LYS B 68 26.12 20.38 7.11
CA LYS B 68 26.79 20.12 5.84
C LYS B 68 26.50 21.32 4.95
N THR B 69 27.23 21.44 3.85
CA THR B 69 27.02 22.55 2.93
C THR B 69 27.31 22.12 1.50
N SER B 70 26.86 22.92 0.55
CA SER B 70 27.09 22.61 -0.85
C SER B 70 27.39 23.86 -1.64
N ASN B 71 28.19 23.70 -2.68
CA ASN B 71 28.54 24.83 -3.51
C ASN B 71 27.66 24.79 -4.75
N ASN B 72 26.36 24.76 -4.48
CA ASN B 72 25.34 24.75 -5.49
C ASN B 72 24.13 25.41 -4.84
N PRO B 73 23.74 26.58 -5.35
CA PRO B 73 22.60 27.35 -4.82
C PRO B 73 21.28 26.59 -4.79
N SER B 74 21.17 25.57 -5.64
CA SER B 74 19.93 24.80 -5.73
C SER B 74 19.92 23.61 -4.78
N LEU B 75 20.96 23.48 -4.00
CA LEU B 75 21.07 22.39 -3.04
C LEU B 75 21.28 23.01 -1.66
N VAL B 76 20.54 22.51 -0.67
CA VAL B 76 20.67 23.01 0.69
C VAL B 76 20.62 21.85 1.67
N PHE B 77 21.55 21.82 2.61
CA PHE B 77 21.52 20.78 3.63
C PHE B 77 20.97 21.54 4.82
N PHE B 78 19.82 21.09 5.30
CA PHE B 78 19.13 21.76 6.38
C PHE B 78 19.03 20.92 7.64
N ASN B 79 19.57 21.46 8.73
CA ASN B 79 19.56 20.79 10.04
C ASN B 79 18.38 21.41 10.75
N GLY B 80 17.30 20.66 10.87
CA GLY B 80 16.14 21.20 11.54
C GLY B 80 14.95 20.28 11.47
N SER B 81 13.94 20.60 12.25
CA SER B 81 12.73 19.79 12.27
C SER B 81 11.89 20.04 11.02
N PRO B 82 10.86 19.20 10.82
CA PRO B 82 9.94 19.33 9.68
C PRO B 82 9.27 20.69 9.72
N ALA B 83 8.95 21.12 10.93
CA ALA B 83 8.28 22.40 11.11
C ALA B 83 9.17 23.54 10.66
N ASP B 84 10.48 23.38 10.90
CA ASP B 84 11.46 24.40 10.54
C ASP B 84 11.74 24.47 9.04
N VAL B 85 11.74 23.34 8.36
CA VAL B 85 11.99 23.32 6.92
C VAL B 85 10.84 24.02 6.20
N VAL B 86 9.62 23.70 6.60
CA VAL B 86 8.46 24.32 5.97
C VAL B 86 8.57 25.84 6.08
N LYS B 87 8.92 26.30 7.27
CA LYS B 87 9.06 27.72 7.53
C LYS B 87 10.21 28.32 6.71
N PHE B 88 11.27 27.57 6.54
CA PHE B 88 12.41 28.02 5.76
C PHE B 88 11.99 28.17 4.31
N LEU B 89 11.13 27.26 3.86
CA LEU B 89 10.66 27.30 2.50
C LEU B 89 9.66 28.44 2.25
N GLU B 90 8.82 28.74 3.24
CA GLU B 90 7.88 29.85 3.06
C GLU B 90 8.64 31.17 3.01
N GLY B 91 9.85 31.18 3.58
CA GLY B 91 10.67 32.37 3.56
C GLY B 91 11.33 32.53 2.21
N LYS B 92 11.18 31.53 1.35
CA LYS B 92 11.74 31.57 0.01
C LYS B 92 10.58 31.84 -0.94
N GLY B 93 9.37 31.98 -0.41
CA GLY B 93 8.24 32.27 -1.26
C GLY B 93 7.42 31.06 -1.73
N TYR B 94 7.77 29.87 -1.25
CA TYR B 94 7.03 28.70 -1.66
C TYR B 94 5.78 28.60 -0.79
N GLU B 95 4.67 28.22 -1.40
CA GLU B 95 3.43 28.09 -0.64
C GLU B 95 3.11 26.62 -0.54
N ARG B 96 3.85 25.82 -1.31
CA ARG B 96 3.71 24.38 -1.30
C ARG B 96 5.08 23.75 -1.17
N VAL B 97 5.14 22.66 -0.43
CA VAL B 97 6.37 21.94 -0.18
C VAL B 97 6.14 20.51 -0.61
N ALA B 98 7.10 19.96 -1.33
CA ALA B 98 6.98 18.57 -1.76
C ALA B 98 8.01 17.74 -1.02
N VAL B 99 7.53 16.76 -0.27
CA VAL B 99 8.41 15.86 0.49
C VAL B 99 8.37 14.61 -0.37
N ILE B 100 9.52 14.22 -0.86
CA ILE B 100 9.57 13.10 -1.78
C ILE B 100 10.21 11.86 -1.25
N GLY B 101 10.75 11.91 -0.06
CA GLY B 101 11.30 10.65 0.31
C GLY B 101 12.23 10.45 1.44
N GLY B 102 12.21 9.17 1.76
CA GLY B 102 12.97 8.62 2.83
C GLY B 102 11.94 8.11 3.80
N LYS B 103 12.13 6.86 4.20
CA LYS B 103 11.27 6.26 5.19
C LYS B 103 11.42 7.15 6.40
N THR B 104 12.64 7.62 6.63
CA THR B 104 12.88 8.50 7.78
C THR B 104 12.16 9.85 7.76
N VAL B 105 12.32 10.59 6.67
CA VAL B 105 11.69 11.90 6.57
C VAL B 105 10.17 11.79 6.55
N PHE B 106 9.65 10.81 5.83
CA PHE B 106 8.21 10.60 5.80
C PHE B 106 7.71 10.35 7.23
N THR B 107 8.44 9.49 7.95
CA THR B 107 8.08 9.18 9.33
C THR B 107 8.10 10.45 10.15
N GLU B 108 9.16 11.24 10.02
CA GLU B 108 9.24 12.48 10.78
C GLU B 108 8.06 13.44 10.52
N PHE B 109 7.62 13.59 9.28
CA PHE B 109 6.50 14.50 8.99
C PHE B 109 5.17 13.93 9.49
N LEU B 110 4.99 12.62 9.34
CA LEU B 110 3.76 11.98 9.81
C LEU B 110 3.62 12.10 11.34
N ARG B 111 4.72 11.87 12.06
CA ARG B 111 4.70 11.97 13.52
C ARG B 111 4.33 13.40 13.94
N GLU B 112 4.83 14.38 13.20
CA GLU B 112 4.55 15.78 13.51
C GLU B 112 3.23 16.26 12.98
N LYS B 113 2.50 15.37 12.32
CA LYS B 113 1.21 15.71 11.75
C LYS B 113 1.27 16.82 10.68
N LEU B 114 2.42 16.93 10.02
CA LEU B 114 2.61 17.91 8.95
C LEU B 114 2.49 17.21 7.59
N VAL B 115 1.27 17.16 7.07
CA VAL B 115 0.98 16.54 5.81
C VAL B 115 -0.47 16.90 5.47
N ASP B 116 -0.66 17.46 4.28
CA ASP B 116 -1.99 17.90 3.83
C ASP B 116 -2.54 17.08 2.69
N GLU B 117 -1.66 16.65 1.79
CA GLU B 117 -2.06 15.86 0.65
C GLU B 117 -1.00 14.82 0.36
N LEU B 118 -1.44 13.73 -0.26
CA LEU B 118 -0.55 12.65 -0.65
C LEU B 118 -0.75 12.41 -2.15
N PHE B 119 0.31 12.56 -2.94
CA PHE B 119 0.22 12.29 -4.38
C PHE B 119 0.92 10.94 -4.46
N VAL B 120 0.12 9.91 -4.68
CA VAL B 120 0.65 8.57 -4.70
C VAL B 120 0.60 7.83 -6.03
N THR B 121 1.74 7.33 -6.46
CA THR B 121 1.77 6.52 -7.68
C THR B 121 1.99 5.07 -7.29
N VAL B 122 1.11 4.21 -7.75
CA VAL B 122 1.21 2.79 -7.46
C VAL B 122 1.67 2.04 -8.70
N GLU B 123 2.86 1.45 -8.62
CA GLU B 123 3.40 0.70 -9.75
C GLU B 123 2.91 -0.72 -9.61
N PRO B 124 2.55 -1.35 -10.73
CA PRO B 124 2.03 -2.71 -10.67
C PRO B 124 2.98 -3.85 -10.31
N TYR B 125 3.42 -3.87 -9.05
CA TYR B 125 4.29 -4.93 -8.55
C TYR B 125 3.92 -5.24 -7.11
N VAL B 126 4.42 -6.39 -6.65
CA VAL B 126 4.30 -6.78 -5.26
C VAL B 126 5.78 -7.10 -4.95
N PHE B 127 6.43 -6.27 -4.16
CA PHE B 127 7.84 -6.50 -3.82
C PHE B 127 7.95 -7.32 -2.52
N GLY B 128 8.59 -8.48 -2.58
CA GLY B 128 8.73 -9.30 -1.39
C GLY B 128 9.58 -8.61 -0.34
N LYS B 129 10.48 -7.75 -0.80
CA LYS B 129 11.37 -7.04 0.10
C LYS B 129 11.62 -5.61 -0.36
N GLY B 130 11.75 -4.71 0.60
CA GLY B 130 11.98 -3.32 0.27
C GLY B 130 11.84 -2.42 1.47
N ILE B 131 11.92 -1.13 1.23
CA ILE B 131 11.80 -0.15 2.29
C ILE B 131 10.36 0.39 2.39
N PRO B 132 9.75 0.26 3.57
CA PRO B 132 8.37 0.72 3.79
C PRO B 132 8.25 2.23 3.70
N PHE B 133 7.05 2.67 3.33
CA PHE B 133 6.71 4.09 3.21
C PHE B 133 7.17 4.83 4.48
N PHE B 134 6.93 4.22 5.64
CA PHE B 134 7.34 4.82 6.90
C PHE B 134 7.53 3.78 7.99
N ASP B 135 8.01 4.22 9.14
CA ASP B 135 8.23 3.28 10.23
C ASP B 135 6.94 2.99 10.94
N GLU B 136 6.58 3.88 11.84
CA GLU B 136 5.35 3.72 12.59
C GLU B 136 5.16 4.97 13.40
N PHE B 137 3.92 5.37 13.58
CA PHE B 137 3.61 6.54 14.35
C PHE B 137 2.28 6.25 15.03
N GLU B 138 1.97 7.03 16.06
CA GLU B 138 0.74 6.87 16.81
C GLU B 138 -0.41 7.49 16.08
N GLY B 139 -1.48 6.74 15.90
CA GLY B 139 -2.61 7.31 15.21
C GLY B 139 -2.74 6.87 13.76
N TYR B 140 -3.51 7.66 13.03
CA TYR B 140 -3.77 7.35 11.64
C TYR B 140 -4.30 8.62 11.02
N PHE B 141 -4.31 8.68 9.70
CA PHE B 141 -4.82 9.85 9.01
C PHE B 141 -5.96 9.44 8.10
N PRO B 142 -7.12 10.10 8.23
CA PRO B 142 -8.25 9.76 7.37
C PRO B 142 -8.04 10.54 6.08
N LEU B 143 -8.28 9.90 4.94
CA LEU B 143 -8.08 10.58 3.66
C LEU B 143 -9.35 10.65 2.82
N LYS B 144 -9.33 11.51 1.80
CA LYS B 144 -10.42 11.60 0.85
C LYS B 144 -9.75 11.58 -0.54
N LEU B 145 -10.21 10.71 -1.43
CA LEU B 145 -9.63 10.58 -2.78
C LEU B 145 -10.06 11.70 -3.73
N LEU B 146 -9.13 12.57 -4.10
CA LEU B 146 -9.45 13.69 -4.97
C LEU B 146 -9.39 13.36 -6.45
N GLU B 147 -8.47 12.48 -6.84
CA GLU B 147 -8.31 12.14 -8.25
C GLU B 147 -7.55 10.83 -8.41
N MET B 148 -7.83 10.14 -9.49
CA MET B 148 -7.13 8.91 -9.80
C MET B 148 -7.02 8.79 -11.32
N ARG B 149 -5.79 8.71 -11.81
CA ARG B 149 -5.53 8.60 -13.24
C ARG B 149 -4.70 7.37 -13.54
N ARG B 150 -5.07 6.68 -14.61
CA ARG B 150 -4.30 5.55 -15.04
C ARG B 150 -3.20 6.16 -15.94
N LEU B 151 -1.94 5.92 -15.62
CA LEU B 151 -0.86 6.52 -16.40
C LEU B 151 -0.40 5.75 -17.64
N ASN B 152 -0.65 4.45 -17.72
CA ASN B 152 -0.22 3.68 -18.88
C ASN B 152 -1.04 2.40 -19.02
N GLU B 153 -0.83 1.65 -20.09
CA GLU B 153 -1.59 0.43 -20.31
C GLU B 153 -1.35 -0.67 -19.28
N ARG B 154 -0.13 -0.81 -18.81
CA ARG B 154 0.14 -1.86 -17.84
C ARG B 154 -0.65 -1.59 -16.55
N GLY B 155 -0.73 -0.34 -16.13
CA GLY B 155 -1.52 -0.08 -14.93
C GLY B 155 -0.99 0.82 -13.85
N THR B 156 0.10 1.53 -14.10
CA THR B 156 0.60 2.45 -13.10
C THR B 156 -0.55 3.41 -12.79
N LEU B 157 -0.83 3.58 -11.51
CA LEU B 157 -1.92 4.44 -11.08
C LEU B 157 -1.44 5.64 -10.31
N PHE B 158 -2.01 6.79 -10.64
CA PHE B 158 -1.69 8.01 -9.91
C PHE B 158 -2.94 8.30 -9.08
N LEU B 159 -2.74 8.56 -7.79
CA LEU B 159 -3.83 8.81 -6.86
C LEU B 159 -3.53 10.06 -6.07
N LYS B 160 -4.50 10.93 -5.95
CA LYS B 160 -4.29 12.16 -5.23
C LYS B 160 -5.26 12.19 -4.04
N TYR B 161 -4.71 12.20 -2.84
CA TYR B 161 -5.51 12.21 -1.62
C TYR B 161 -5.29 13.46 -0.79
N SER B 162 -6.34 13.92 -0.14
CA SER B 162 -6.20 15.06 0.76
C SER B 162 -6.46 14.46 2.16
N VAL B 163 -5.79 14.98 3.17
CA VAL B 163 -6.00 14.51 4.52
C VAL B 163 -7.32 15.17 4.99
N GLU B 164 -8.30 14.38 5.44
CA GLU B 164 -9.57 14.94 5.93
C GLU B 164 -9.31 15.60 7.27
N LYS B 165 -9.51 16.91 7.35
CA LYS B 165 -9.30 17.63 8.60
C LYS B 165 -10.64 18.13 9.16
N SER B 166 -10.83 18.01 10.47
CA SER B 166 -12.05 18.49 11.11
C SER B 166 -12.00 20.02 11.16
N HIS B 167 -13.11 20.68 10.90
CA HIS B 167 -13.13 22.13 10.92
C HIS B 167 -14.44 22.75 11.46
N ARG B 168 -14.37 24.04 11.79
CA ARG B 168 -15.51 24.79 12.29
C ARG B 168 -16.54 24.92 11.19
S SO4 C . -3.57 -15.89 9.89
O1 SO4 C . -2.56 -14.83 10.04
O2 SO4 C . -4.92 -15.29 9.91
O3 SO4 C . -3.33 -16.60 8.63
O4 SO4 C . -3.46 -16.86 10.99
S SO4 D . 15.66 9.06 4.24
O1 SO4 D . 15.31 7.63 4.32
O2 SO4 D . 15.71 9.42 2.83
O3 SO4 D . 14.63 9.84 4.96
O4 SO4 D . 16.97 9.35 4.86
#